data_8V7P
#
_entry.id   8V7P
#
_cell.length_a   22.453
_cell.length_b   54.853
_cell.length_c   37.772
_cell.angle_alpha   90.000
_cell.angle_beta   96.145
_cell.angle_gamma   90.000
#
_symmetry.space_group_name_H-M   'P 1 21 1'
#
loop_
_entity.id
_entity.type
_entity.pdbx_description
1 polymer 'Fimbrial protein'
2 non-polymer 'CACODYLIC ACID'
3 water water
#
_entity_poly.entity_id   1
_entity_poly.type   'polypeptide(L)'
_entity_poly.pdbx_seq_one_letter_code
;ISEFARTQVTRAVSEVSALKTAAESAILEGKEIVSSATPKDTQYDIGFTESTLLDGSGKSQIQVTDNKDGTVELVATLGK
SSGSAIKGAVITVSRKNDGVWNCKITKTPTAWKPNYAPANCPKS
;
_entity_poly.pdbx_strand_id   A
#
loop_
_chem_comp.id
_chem_comp.type
_chem_comp.name
_chem_comp.formula
CAD non-polymer 'CACODYLIC ACID' 'C2 H7 As O2'
#
# COMPACT_ATOMS: atom_id res chain seq x y z
N ILE A 1 16.28 8.51 -12.36
CA ILE A 1 16.35 8.01 -10.96
C ILE A 1 17.47 6.96 -10.89
N SER A 2 18.22 7.00 -9.78
CA SER A 2 19.39 6.15 -9.64
C SER A 2 19.28 5.23 -8.40
N GLU A 3 18.13 5.23 -7.71
CA GLU A 3 17.95 4.37 -6.57
C GLU A 3 17.88 2.91 -7.00
N PHE A 4 18.33 2.02 -6.12
CA PHE A 4 18.25 0.59 -6.36
C PHE A 4 16.79 0.13 -6.40
N ALA A 5 16.50 -0.92 -7.17
CA ALA A 5 15.18 -1.48 -7.21
C ALA A 5 14.70 -1.85 -5.80
N ARG A 6 15.54 -2.54 -5.01
CA ARG A 6 15.09 -2.92 -3.67
C ARG A 6 14.76 -1.68 -2.82
N THR A 7 15.50 -0.58 -3.00
CA THR A 7 15.19 0.64 -2.26
C THR A 7 13.84 1.19 -2.71
N GLN A 8 13.55 1.15 -4.01
CA GLN A 8 12.26 1.58 -4.49
CA GLN A 8 12.26 1.58 -4.49
C GLN A 8 11.12 0.74 -3.91
N VAL A 9 11.27 -0.58 -3.90
CA VAL A 9 10.21 -1.41 -3.35
C VAL A 9 10.00 -1.05 -1.88
N THR A 10 11.07 -0.96 -1.10
CA THR A 10 10.96 -0.68 0.34
CA THR A 10 10.93 -0.70 0.33
C THR A 10 10.32 0.68 0.57
N ARG A 11 10.75 1.70 -0.19
CA ARG A 11 10.16 3.02 -0.02
C ARG A 11 8.66 2.93 -0.26
N ALA A 12 8.24 2.24 -1.34
CA ALA A 12 6.83 2.12 -1.63
C ALA A 12 6.09 1.42 -0.49
N VAL A 13 6.61 0.31 0.01
CA VAL A 13 6.03 -0.33 1.18
C VAL A 13 5.89 0.64 2.35
N SER A 14 6.92 1.45 2.60
CA SER A 14 6.87 2.44 3.67
C SER A 14 5.80 3.50 3.42
N GLU A 15 5.67 3.96 2.18
CA GLU A 15 4.65 4.95 1.85
C GLU A 15 3.23 4.45 2.09
N VAL A 16 2.95 3.19 1.72
CA VAL A 16 1.64 2.64 2.01
C VAL A 16 1.48 2.42 3.50
N SER A 17 2.52 1.90 4.16
CA SER A 17 2.48 1.55 5.57
C SER A 17 2.30 2.78 6.47
N ALA A 18 2.75 3.93 6.01
CA ALA A 18 2.59 5.18 6.74
C ALA A 18 1.12 5.55 6.95
N LEU A 19 0.22 4.96 6.15
CA LEU A 19 -1.21 5.25 6.20
C LEU A 19 -1.93 4.41 7.26
N LYS A 20 -1.28 3.40 7.86
CA LYS A 20 -1.94 2.60 8.88
C LYS A 20 -2.49 3.45 10.02
N THR A 21 -1.76 4.48 10.45
CA THR A 21 -2.13 5.39 11.52
CA THR A 21 -2.24 5.22 11.59
C THR A 21 -3.52 5.95 11.23
N ALA A 22 -3.68 6.48 10.01
CA ALA A 22 -4.93 7.10 9.62
C ALA A 22 -6.03 6.05 9.57
N ALA A 23 -5.74 4.87 9.02
CA ALA A 23 -6.73 3.81 8.98
C ALA A 23 -7.21 3.45 10.39
N GLU A 24 -6.29 3.42 11.36
CA GLU A 24 -6.64 3.13 12.75
C GLU A 24 -7.56 4.21 13.33
N SER A 25 -7.31 5.47 12.97
CA SER A 25 -8.16 6.56 13.41
C SER A 25 -9.56 6.45 12.84
N ALA A 26 -9.69 6.17 11.52
CA ALA A 26 -10.99 5.91 10.91
C ALA A 26 -11.74 4.80 11.67
N ILE A 27 -11.07 3.69 11.96
CA ILE A 27 -11.69 2.57 12.63
C ILE A 27 -12.19 2.99 14.01
N LEU A 28 -11.39 3.74 14.77
CA LEU A 28 -11.87 4.22 16.06
C LEU A 28 -13.06 5.18 15.92
N GLU A 29 -13.13 5.95 14.84
CA GLU A 29 -14.23 6.87 14.61
C GLU A 29 -15.46 6.20 13.96
N GLY A 30 -15.39 4.91 13.63
CA GLY A 30 -16.55 4.25 13.02
C GLY A 30 -16.85 4.74 11.60
N LYS A 31 -15.80 5.11 10.86
CA LYS A 31 -15.94 5.64 9.51
C LYS A 31 -15.33 4.65 8.52
N GLU A 32 -15.89 4.65 7.31
CA GLU A 32 -15.32 3.88 6.20
CA GLU A 32 -15.32 3.86 6.22
C GLU A 32 -14.01 4.52 5.77
N ILE A 33 -12.98 3.70 5.56
CA ILE A 33 -11.67 4.14 5.11
C ILE A 33 -11.71 4.32 3.60
N VAL A 34 -11.21 5.45 3.10
CA VAL A 34 -11.10 5.70 1.66
C VAL A 34 -9.76 6.36 1.38
N SER A 35 -9.38 6.35 0.08
CA SER A 35 -8.31 7.21 -0.41
C SER A 35 -8.85 7.94 -1.62
N SER A 36 -9.33 9.19 -1.39
CA SER A 36 -10.07 9.92 -2.40
C SER A 36 -9.93 11.42 -2.14
N ALA A 37 -9.89 12.17 -3.24
CA ALA A 37 -10.01 13.62 -3.20
C ALA A 37 -11.44 14.12 -2.99
N THR A 38 -12.43 13.20 -3.10
CA THR A 38 -13.83 13.54 -2.91
C THR A 38 -14.50 12.60 -1.91
N PRO A 39 -14.03 12.49 -0.66
CA PRO A 39 -14.67 11.62 0.33
C PRO A 39 -16.08 12.12 0.59
N LYS A 40 -16.99 11.15 0.67
CA LYS A 40 -18.42 11.42 0.71
C LYS A 40 -18.88 11.28 2.14
N ASP A 41 -19.63 12.28 2.64
CA ASP A 41 -20.30 12.17 3.92
C ASP A 41 -19.32 11.79 5.04
N THR A 42 -19.51 10.59 5.61
CA THR A 42 -18.81 10.02 6.74
C THR A 42 -17.51 9.30 6.38
N GLN A 43 -17.17 9.19 5.10
CA GLN A 43 -15.93 8.54 4.74
C GLN A 43 -14.73 9.30 5.33
N TYR A 44 -13.68 8.55 5.65
CA TYR A 44 -12.48 9.10 6.21
C TYR A 44 -11.35 8.88 5.21
N ASP A 45 -10.84 9.97 4.62
CA ASP A 45 -9.71 9.86 3.73
C ASP A 45 -8.41 9.69 4.52
N ILE A 46 -7.54 8.77 4.03
CA ILE A 46 -6.35 8.41 4.80
C ILE A 46 -5.13 9.32 4.61
N GLY A 47 -5.27 10.42 3.86
CA GLY A 47 -4.24 11.47 3.89
C GLY A 47 -3.02 11.21 3.00
N PHE A 48 -3.16 10.31 2.03
CA PHE A 48 -2.05 10.04 1.15
C PHE A 48 -1.81 11.21 0.20
N THR A 49 -0.52 11.44 -0.11
CA THR A 49 -0.14 12.53 -1.01
C THR A 49 0.03 11.98 -2.43
N GLU A 50 1.24 11.64 -2.80
CA GLU A 50 1.53 11.02 -4.09
C GLU A 50 2.94 10.46 -4.00
N SER A 51 3.18 9.36 -4.71
CA SER A 51 4.50 8.74 -4.78
C SER A 51 4.99 8.77 -6.22
N THR A 52 6.30 8.88 -6.36
CA THR A 52 6.94 8.79 -7.67
C THR A 52 7.13 7.34 -8.11
N LEU A 53 6.76 6.37 -7.25
CA LEU A 53 7.03 4.97 -7.49
C LEU A 53 5.78 4.15 -7.78
N LEU A 54 4.60 4.78 -7.80
CA LEU A 54 3.35 4.05 -7.89
C LEU A 54 2.63 4.48 -9.16
N ASP A 55 1.94 3.51 -9.77
CA ASP A 55 1.03 3.79 -10.87
C ASP A 55 -0.21 4.54 -10.34
N GLY A 56 -0.79 5.36 -11.20
CA GLY A 56 -1.95 6.15 -10.87
C GLY A 56 -1.56 7.57 -10.41
N SER A 57 -2.57 8.39 -10.14
CA SER A 57 -2.43 9.80 -9.81
C SER A 57 -2.89 10.08 -8.39
N GLY A 58 -2.07 10.67 -7.55
CA GLY A 58 -2.46 11.19 -6.24
C GLY A 58 -3.09 10.11 -5.38
N LYS A 59 -4.24 10.44 -4.78
CA LYS A 59 -4.90 9.54 -3.85
C LYS A 59 -5.34 8.24 -4.49
N SER A 60 -5.51 8.22 -5.80
CA SER A 60 -5.91 7.02 -6.51
C SER A 60 -4.76 6.02 -6.66
N GLN A 61 -3.54 6.36 -6.21
CA GLN A 61 -2.44 5.39 -6.16
C GLN A 61 -2.66 4.31 -5.11
N ILE A 62 -3.45 4.62 -4.06
CA ILE A 62 -3.78 3.67 -3.01
C ILE A 62 -5.23 3.22 -3.19
N GLN A 63 -5.41 1.89 -3.34
CA GLN A 63 -6.72 1.31 -3.48
C GLN A 63 -7.06 0.66 -2.16
N VAL A 64 -8.18 1.10 -1.61
CA VAL A 64 -8.61 0.65 -0.31
C VAL A 64 -9.75 -0.35 -0.40
N THR A 65 -9.63 -1.46 0.36
CA THR A 65 -10.73 -2.39 0.58
C THR A 65 -11.08 -2.30 2.06
N ASP A 66 -12.29 -1.82 2.35
CA ASP A 66 -12.77 -1.74 3.72
C ASP A 66 -14.03 -2.59 3.80
N ASN A 67 -13.89 -3.77 4.41
CA ASN A 67 -14.96 -4.76 4.46
C ASN A 67 -15.91 -4.47 5.62
N LYS A 68 -15.60 -3.43 6.43
CA LYS A 68 -16.44 -2.98 7.53
C LYS A 68 -16.49 -4.00 8.67
N ASP A 69 -15.53 -4.91 8.70
CA ASP A 69 -15.50 -6.02 9.64
C ASP A 69 -14.18 -6.03 10.41
N GLY A 70 -13.44 -4.90 10.38
CA GLY A 70 -12.15 -4.86 11.04
C GLY A 70 -10.98 -5.29 10.16
N THR A 71 -11.26 -5.73 8.93
CA THR A 71 -10.19 -6.01 8.00
C THR A 71 -10.14 -4.90 6.96
N VAL A 72 -8.92 -4.64 6.49
CA VAL A 72 -8.59 -3.53 5.62
C VAL A 72 -7.53 -4.07 4.67
N GLU A 73 -7.59 -3.65 3.40
CA GLU A 73 -6.42 -3.80 2.53
C GLU A 73 -6.11 -2.44 1.92
N LEU A 74 -4.83 -2.10 1.95
CA LEU A 74 -4.27 -0.94 1.25
C LEU A 74 -3.37 -1.47 0.16
N VAL A 75 -3.72 -1.21 -1.10
CA VAL A 75 -3.11 -1.87 -2.24
C VAL A 75 -2.54 -0.84 -3.20
N ALA A 76 -1.29 -1.01 -3.62
CA ALA A 76 -0.68 -0.14 -4.61
C ALA A 76 0.14 -0.94 -5.61
N THR A 77 0.37 -0.36 -6.81
CA THR A 77 1.12 -1.04 -7.84
C THR A 77 2.33 -0.20 -8.17
N LEU A 78 3.48 -0.86 -8.27
CA LEU A 78 4.72 -0.20 -8.62
C LEU A 78 4.63 0.28 -10.07
N GLY A 79 5.00 1.55 -10.28
CA GLY A 79 4.93 2.16 -11.60
C GLY A 79 5.70 3.47 -11.61
N LYS A 80 5.35 4.37 -12.55
CA LYS A 80 6.01 5.66 -12.70
C LYS A 80 7.52 5.50 -12.78
N SER A 81 8.26 6.04 -11.79
CA SER A 81 9.72 6.01 -11.82
C SER A 81 10.35 4.68 -11.44
N SER A 82 9.54 3.71 -11.03
CA SER A 82 10.02 2.39 -10.66
C SER A 82 10.76 1.73 -11.84
N GLY A 83 11.81 0.97 -11.50
CA GLY A 83 12.52 0.20 -12.51
C GLY A 83 11.64 -0.81 -13.22
N SER A 84 12.00 -1.14 -14.46
CA SER A 84 11.20 -2.08 -15.25
C SER A 84 11.10 -3.45 -14.57
N ALA A 85 12.11 -3.84 -13.78
CA ALA A 85 12.11 -5.17 -13.19
C ALA A 85 11.15 -5.31 -11.99
N ILE A 86 10.58 -4.18 -11.53
CA ILE A 86 9.58 -4.18 -10.47
C ILE A 86 8.23 -3.61 -10.89
N LYS A 87 8.15 -2.98 -12.06
CA LYS A 87 6.90 -2.36 -12.44
C LYS A 87 5.79 -3.40 -12.61
N GLY A 88 4.62 -3.07 -12.09
CA GLY A 88 3.46 -3.97 -12.11
C GLY A 88 3.29 -4.80 -10.86
N ALA A 89 4.35 -4.93 -10.06
CA ALA A 89 4.22 -5.65 -8.81
C ALA A 89 3.23 -4.91 -7.88
N VAL A 90 2.48 -5.72 -7.11
CA VAL A 90 1.44 -5.20 -6.24
C VAL A 90 1.83 -5.37 -4.78
N ILE A 91 1.76 -4.26 -4.04
CA ILE A 91 1.98 -4.25 -2.60
C ILE A 91 0.61 -4.26 -1.93
N THR A 92 0.41 -5.21 -1.01
CA THR A 92 -0.82 -5.28 -0.24
C THR A 92 -0.48 -5.22 1.25
N VAL A 93 -0.90 -4.15 1.92
CA VAL A 93 -0.75 -3.99 3.36
C VAL A 93 -2.14 -4.21 3.96
N SER A 94 -2.28 -5.26 4.77
CA SER A 94 -3.57 -5.81 5.19
CA SER A 94 -3.60 -5.70 5.19
C SER A 94 -3.67 -5.80 6.71
N ARG A 95 -4.87 -5.51 7.21
CA ARG A 95 -5.14 -5.58 8.64
C ARG A 95 -6.11 -6.71 8.92
N LYS A 96 -5.84 -7.51 9.98
CA LYS A 96 -6.81 -8.47 10.50
CA LYS A 96 -6.76 -8.48 10.55
C LYS A 96 -7.64 -7.77 11.57
N ASN A 97 -8.77 -8.40 11.96
CA ASN A 97 -9.67 -7.71 12.86
C ASN A 97 -9.11 -7.66 14.31
N ASP A 98 -8.03 -8.42 14.61
CA ASP A 98 -7.28 -8.23 15.84
C ASP A 98 -6.34 -7.02 15.84
N GLY A 99 -6.30 -6.25 14.74
CA GLY A 99 -5.47 -5.07 14.60
C GLY A 99 -4.01 -5.35 14.25
N VAL A 100 -3.68 -6.58 13.83
CA VAL A 100 -2.33 -6.90 13.40
C VAL A 100 -2.30 -6.74 11.88
N TRP A 101 -1.26 -6.07 11.39
CA TRP A 101 -1.06 -5.83 9.99
C TRP A 101 0.02 -6.76 9.42
N ASN A 102 -0.05 -6.95 8.09
CA ASN A 102 0.95 -7.69 7.35
C ASN A 102 1.10 -7.09 5.96
N CYS A 103 2.18 -7.45 5.27
CA CYS A 103 2.45 -6.93 3.93
CA CYS A 103 2.49 -6.93 3.95
C CYS A 103 2.88 -8.12 3.07
N LYS A 104 2.43 -8.10 1.82
CA LYS A 104 2.90 -9.05 0.81
CA LYS A 104 2.93 -9.04 0.82
C LYS A 104 3.03 -8.35 -0.52
N ILE A 105 3.87 -8.94 -1.40
CA ILE A 105 4.03 -8.51 -2.78
C ILE A 105 3.55 -9.67 -3.66
N THR A 106 2.78 -9.31 -4.68
CA THR A 106 2.22 -10.26 -5.66
C THR A 106 2.34 -9.67 -7.06
N LYS A 107 2.03 -10.51 -8.05
CA LYS A 107 1.92 -10.10 -9.45
C LYS A 107 3.20 -9.46 -9.99
N THR A 108 4.35 -10.05 -9.63
CA THR A 108 5.62 -9.46 -9.99
C THR A 108 5.93 -9.70 -11.47
N PRO A 109 6.70 -8.81 -12.12
CA PRO A 109 7.08 -9.01 -13.53
C PRO A 109 8.14 -10.08 -13.64
N THR A 110 8.36 -10.54 -14.88
CA THR A 110 9.24 -11.65 -15.15
C THR A 110 10.64 -11.36 -14.58
N ALA A 111 11.12 -10.11 -14.75
CA ALA A 111 12.46 -9.75 -14.35
C ALA A 111 12.65 -9.58 -12.82
N TRP A 112 11.61 -9.82 -12.00
CA TRP A 112 11.76 -9.76 -10.54
C TRP A 112 12.89 -10.67 -10.06
N LYS A 113 13.64 -10.21 -9.06
CA LYS A 113 14.68 -10.98 -8.39
C LYS A 113 14.35 -11.08 -6.92
N PRO A 114 14.69 -12.21 -6.27
CA PRO A 114 14.37 -12.42 -4.85
C PRO A 114 14.73 -11.24 -3.96
N ASN A 115 15.92 -10.65 -4.20
CA ASN A 115 16.47 -9.65 -3.28
C ASN A 115 15.73 -8.32 -3.35
N TYR A 116 14.78 -8.18 -4.29
CA TYR A 116 14.01 -6.96 -4.36
C TYR A 116 12.97 -6.85 -3.25
N ALA A 117 12.48 -7.97 -2.69
CA ALA A 117 11.47 -7.91 -1.65
C ALA A 117 12.16 -7.67 -0.31
N PRO A 118 11.64 -6.74 0.49
CA PRO A 118 12.15 -6.58 1.84
C PRO A 118 11.65 -7.72 2.74
N ALA A 119 12.39 -7.95 3.84
CA ALA A 119 12.01 -9.01 4.78
C ALA A 119 10.61 -8.76 5.32
N ASN A 120 10.19 -7.51 5.48
CA ASN A 120 8.89 -7.15 6.04
C ASN A 120 7.74 -7.21 5.04
N CYS A 121 7.99 -7.61 3.78
CA CYS A 121 6.94 -7.66 2.79
C CYS A 121 7.29 -8.72 1.75
N PRO A 122 7.23 -10.00 2.13
CA PRO A 122 7.67 -11.02 1.20
CA PRO A 122 7.63 -11.07 1.23
C PRO A 122 6.77 -11.22 -0.01
N LYS A 123 7.39 -11.76 -1.06
CA LYS A 123 6.69 -12.16 -2.25
C LYS A 123 5.83 -13.38 -1.91
N SER A 124 4.59 -13.37 -2.42
CA SER A 124 3.62 -14.45 -2.25
C SER A 124 3.18 -14.94 -3.63
AS CAD B . 5.22 10.75 0.48
C1 CAD B . 4.20 9.35 -0.47
C2 CAD B . 6.39 11.48 -0.89
O1 CAD B . 6.31 10.17 1.74
O2 CAD B . 4.17 11.99 1.02
#